data_1C9Y
#
_entry.id   1C9Y
#
_cell.length_a   125.41
_cell.length_b   125.41
_cell.length_c   125.41
_cell.angle_alpha   90.0
_cell.angle_beta   90.0
_cell.angle_gamma   90.0
#
_symmetry.space_group_name_H-M   'P 21 3'
#
loop_
_entity.id
_entity.type
_entity.pdbx_description
1 polymer 'ORNITHINE CARBAMOYLTRANSFERASE'
2 non-polymer NORVALINE
3 non-polymer 'PHOSPHORIC ACID MONO(FORMAMIDE)ESTER'
4 water water
#
_entity_poly.entity_id   1
_entity_poly.type   'polypeptide(L)'
_entity_poly.pdbx_seq_one_letter_code
;KVQLKGRDLLTLKNFTGEEIKYMLWLSADLKFRIKQKGEYLPLLQGKSLGMIFEKRSTRTRLSTETGFALLGGHPCFLTT
QDIHLGVNESLTDTARVLSSMADAVLARVYKQSDLDTLAKEASIPIINGLSDLYHPIQILADYLTLQEHYSSLKGLTLSW
IGDGNNILHSIMMSAAKFGMHLQAATPKGYEPDASVTKLAEQYAKENGTKLLLTNDPLEAAHGGNVLITDTWISMGREEE
KKKRLQAFQGYQVTMKTAKVAASDWTFLHCLPRKPEEVDDEVFYSPRSLVFPEAENRKWTIMAVMVSLLTDYSPQLQKPK
F
;
_entity_poly.pdbx_strand_id   A
#
loop_
_chem_comp.id
_chem_comp.type
_chem_comp.name
_chem_comp.formula
CP non-polymer 'PHOSPHORIC ACID MONO(FORMAMIDE)ESTER' 'C H4 N O5 P'
#
# COMPACT_ATOMS: atom_id res chain seq x y z
N LYS A 1 21.52 -10.64 5.96
CA LYS A 1 21.26 -10.34 4.55
C LYS A 1 20.55 -8.98 4.38
N VAL A 2 19.24 -8.89 4.76
CA VAL A 2 18.45 -7.66 4.70
C VAL A 2 18.76 -6.79 5.92
N GLN A 3 18.93 -5.47 5.68
CA GLN A 3 19.18 -4.47 6.71
C GLN A 3 18.30 -3.24 6.46
N LEU A 4 17.24 -3.09 7.26
CA LEU A 4 16.29 -2.02 6.99
C LEU A 4 16.24 -0.92 8.02
N LYS A 5 16.87 -1.13 9.18
CA LYS A 5 16.83 -0.17 10.28
C LYS A 5 17.38 1.20 9.88
N GLY A 6 16.59 2.24 10.14
CA GLY A 6 17.01 3.59 9.81
C GLY A 6 16.55 4.04 8.44
N ARG A 7 16.12 3.13 7.55
CA ARG A 7 15.68 3.54 6.23
C ARG A 7 14.34 4.27 6.25
N ASP A 8 14.11 5.05 5.19
CA ASP A 8 12.80 5.62 4.95
C ASP A 8 11.97 4.62 4.13
N LEU A 9 10.67 4.82 4.02
CA LEU A 9 9.85 3.98 3.16
C LEU A 9 8.88 4.92 2.46
N LEU A 10 9.41 5.47 1.36
CA LEU A 10 8.63 6.41 0.57
C LEU A 10 7.92 5.77 -0.60
N THR A 11 8.51 4.69 -1.11
CA THR A 11 7.99 3.93 -2.23
C THR A 11 8.71 2.59 -2.26
N LEU A 12 7.95 1.58 -2.72
CA LEU A 12 8.49 0.22 -2.91
C LEU A 12 9.47 0.14 -4.08
N LYS A 13 9.57 1.19 -4.92
CA LYS A 13 10.58 1.20 -5.97
C LYS A 13 12.01 1.13 -5.41
N ASN A 14 12.24 1.63 -4.20
CA ASN A 14 13.53 1.63 -3.51
C ASN A 14 13.87 0.36 -2.76
N PHE A 15 13.02 -0.66 -2.88
CA PHE A 15 13.18 -1.90 -2.15
C PHE A 15 13.23 -3.09 -3.08
N THR A 16 14.16 -3.99 -2.77
CA THR A 16 14.25 -5.24 -3.53
C THR A 16 13.15 -6.22 -3.11
N GLY A 17 12.96 -7.26 -3.94
CA GLY A 17 12.03 -8.35 -3.66
C GLY A 17 12.35 -8.96 -2.31
N GLU A 18 13.63 -9.16 -2.01
CA GLU A 18 14.08 -9.72 -0.74
C GLU A 18 13.70 -8.85 0.46
N GLU A 19 13.86 -7.52 0.34
CA GLU A 19 13.50 -6.60 1.38
C GLU A 19 12.00 -6.55 1.62
N ILE A 20 11.16 -6.45 0.58
CA ILE A 20 9.71 -6.45 0.74
C ILE A 20 9.24 -7.79 1.28
N LYS A 21 9.85 -8.92 0.87
CA LYS A 21 9.53 -10.21 1.45
C LYS A 21 9.86 -10.24 2.93
N TYR A 22 10.95 -9.59 3.37
CA TYR A 22 11.30 -9.56 4.77
C TYR A 22 10.22 -8.84 5.57
N MET A 23 9.74 -7.71 5.05
CA MET A 23 8.67 -6.99 5.72
C MET A 23 7.42 -7.84 5.80
N LEU A 24 7.09 -8.67 4.79
CA LEU A 24 5.91 -9.54 4.89
C LEU A 24 6.10 -10.71 5.86
N TRP A 25 7.32 -11.21 5.95
CA TRP A 25 7.73 -12.23 6.91
C TRP A 25 7.50 -11.69 8.33
N LEU A 26 8.04 -10.48 8.60
CA LEU A 26 7.88 -9.83 9.89
C LEU A 26 6.41 -9.58 10.23
N SER A 27 5.58 -9.16 9.26
CA SER A 27 4.14 -8.97 9.42
C SER A 27 3.45 -10.25 9.90
N ALA A 28 3.74 -11.36 9.20
CA ALA A 28 3.25 -12.69 9.55
C ALA A 28 3.76 -13.09 10.94
N ASP A 29 5.02 -12.84 11.30
CA ASP A 29 5.54 -13.15 12.63
C ASP A 29 4.83 -12.41 13.77
N LEU A 30 4.69 -11.08 13.63
CA LEU A 30 3.99 -10.25 14.60
C LEU A 30 2.50 -10.61 14.69
N LYS A 31 1.84 -10.89 13.54
CA LYS A 31 0.46 -11.37 13.52
C LYS A 31 0.34 -12.69 14.28
N PHE A 32 1.24 -13.66 14.05
CA PHE A 32 1.16 -14.94 14.73
C PHE A 32 1.37 -14.78 16.24
N ARG A 33 2.45 -14.11 16.68
CA ARG A 33 2.74 -13.95 18.08
C ARG A 33 1.68 -13.18 18.84
N ILE A 34 1.20 -12.07 18.29
CA ILE A 34 0.23 -11.25 18.98
C ILE A 34 -1.22 -11.68 18.73
N LYS A 35 -1.70 -11.77 17.47
CA LYS A 35 -3.10 -12.13 17.24
C LYS A 35 -3.39 -13.57 17.65
N GLN A 36 -2.52 -14.53 17.31
CA GLN A 36 -2.80 -15.92 17.61
C GLN A 36 -2.29 -16.36 18.97
N LYS A 37 -1.03 -16.15 19.35
CA LYS A 37 -0.52 -16.56 20.65
C LYS A 37 -0.87 -15.61 21.79
N GLY A 38 -1.40 -14.41 21.48
CA GLY A 38 -1.81 -13.47 22.49
C GLY A 38 -0.66 -12.83 23.26
N GLU A 39 0.57 -12.87 22.72
CA GLU A 39 1.70 -12.29 23.40
C GLU A 39 1.63 -10.76 23.40
N TYR A 40 2.21 -10.15 24.43
CA TYR A 40 2.39 -8.72 24.45
C TYR A 40 3.89 -8.50 24.16
N LEU A 41 4.14 -7.76 23.07
CA LEU A 41 5.49 -7.56 22.59
C LEU A 41 5.81 -6.09 22.57
N PRO A 42 6.42 -5.53 23.63
CA PRO A 42 6.67 -4.11 23.73
C PRO A 42 7.89 -3.66 22.96
N LEU A 43 7.96 -4.03 21.66
CA LEU A 43 9.12 -3.72 20.83
C LEU A 43 9.38 -2.23 20.59
N LEU A 44 8.33 -1.40 20.66
CA LEU A 44 8.47 0.02 20.45
C LEU A 44 8.29 0.79 21.73
N GLN A 45 8.57 0.15 22.88
CA GLN A 45 8.45 0.84 24.16
C GLN A 45 9.50 1.95 24.22
N GLY A 46 9.06 3.10 24.71
CA GLY A 46 9.90 4.27 24.80
C GLY A 46 10.09 4.94 23.44
N LYS A 47 9.29 4.60 22.41
CA LYS A 47 9.37 5.24 21.11
C LYS A 47 8.08 5.99 20.83
N SER A 48 8.16 6.98 19.94
CA SER A 48 7.00 7.71 19.50
C SER A 48 7.00 7.92 18.01
N LEU A 49 5.79 8.13 17.49
CA LEU A 49 5.57 8.33 16.09
C LEU A 49 4.79 9.62 15.87
N GLY A 50 5.30 10.45 14.95
CA GLY A 50 4.56 11.62 14.51
C GLY A 50 3.77 11.24 13.26
N MET A 51 2.44 11.36 13.31
CA MET A 51 1.59 11.05 12.17
C MET A 51 1.01 12.34 11.61
N ILE A 52 1.47 12.75 10.42
CA ILE A 52 0.96 13.96 9.79
C ILE A 52 -0.01 13.53 8.70
N PHE A 53 -1.27 13.96 8.82
CA PHE A 53 -2.27 13.66 7.83
C PHE A 53 -2.84 14.93 7.19
N GLU A 54 -2.68 14.99 5.86
CA GLU A 54 -3.23 16.09 5.08
C GLU A 54 -4.53 15.71 4.40
N LYS A 55 -4.89 14.43 4.51
CA LYS A 55 -6.10 13.90 3.91
C LYS A 55 -6.80 12.99 4.89
N ARG A 56 -8.11 12.78 4.70
CA ARG A 56 -8.90 11.85 5.50
C ARG A 56 -8.32 10.45 5.47
N SER A 57 -8.55 9.71 6.56
CA SER A 57 -8.09 8.35 6.67
C SER A 57 -8.83 7.59 7.75
N THR A 58 -9.29 6.37 7.46
CA THR A 58 -9.87 5.46 8.45
C THR A 58 -8.86 4.32 8.67
N ARG A 59 -8.54 3.50 7.64
CA ARG A 59 -7.58 2.40 7.74
C ARG A 59 -6.16 2.76 8.11
N THR A 60 -5.52 3.73 7.44
CA THR A 60 -4.13 4.07 7.71
C THR A 60 -4.04 4.67 9.09
N ARG A 61 -5.00 5.53 9.44
CA ARG A 61 -5.05 6.15 10.76
C ARG A 61 -5.16 5.13 11.88
N LEU A 62 -6.16 4.23 11.79
CA LEU A 62 -6.43 3.24 12.82
C LEU A 62 -5.37 2.17 12.95
N SER A 63 -4.93 1.61 11.80
CA SER A 63 -3.91 0.58 11.80
C SER A 63 -2.59 1.08 12.38
N THR A 64 -2.20 2.31 12.00
CA THR A 64 -0.94 2.89 12.45
C THR A 64 -1.04 3.22 13.93
N GLU A 65 -2.11 3.91 14.34
CA GLU A 65 -2.23 4.30 15.74
C GLU A 65 -2.37 3.10 16.68
N THR A 66 -3.30 2.16 16.43
CA THR A 66 -3.41 1.01 17.31
C THR A 66 -2.22 0.10 17.15
N GLY A 67 -1.60 -0.04 15.98
CA GLY A 67 -0.43 -0.90 15.84
C GLY A 67 0.81 -0.38 16.58
N PHE A 68 1.08 0.93 16.50
CA PHE A 68 2.24 1.52 17.16
C PHE A 68 2.06 1.41 18.68
N ALA A 69 0.83 1.67 19.14
CA ALA A 69 0.54 1.55 20.55
C ALA A 69 0.53 0.12 21.07
N LEU A 70 0.10 -0.86 20.26
CA LEU A 70 0.11 -2.27 20.61
C LEU A 70 1.52 -2.79 20.87
N LEU A 71 2.54 -2.16 20.23
CA LEU A 71 3.92 -2.53 20.48
C LEU A 71 4.56 -1.64 21.56
N GLY A 72 3.75 -0.87 22.31
CA GLY A 72 4.24 -0.10 23.44
C GLY A 72 4.66 1.32 23.11
N GLY A 73 4.53 1.78 21.85
CA GLY A 73 4.95 3.13 21.50
C GLY A 73 3.80 4.10 21.57
N HIS A 74 4.10 5.41 21.50
CA HIS A 74 3.07 6.42 21.53
C HIS A 74 2.93 7.09 20.16
N PRO A 75 1.75 6.97 19.50
CA PRO A 75 1.41 7.65 18.27
C PRO A 75 0.81 9.03 18.53
N CYS A 76 1.29 10.03 17.82
CA CYS A 76 0.78 11.38 18.01
C CYS A 76 0.18 11.81 16.67
N PHE A 77 -1.13 12.02 16.63
CA PHE A 77 -1.89 12.40 15.44
C PHE A 77 -1.93 13.92 15.24
N LEU A 78 -1.29 14.35 14.15
CA LEU A 78 -1.07 15.75 13.87
C LEU A 78 -1.78 16.14 12.59
N THR A 79 -2.71 17.09 12.65
CA THR A 79 -3.33 17.61 11.43
C THR A 79 -2.88 19.03 11.17
N THR A 80 -3.14 19.38 9.90
CA THR A 80 -2.86 20.68 9.32
C THR A 80 -3.49 21.78 10.14
N GLN A 81 -4.70 21.58 10.69
CA GLN A 81 -5.45 22.54 11.50
C GLN A 81 -4.79 22.85 12.85
N ASP A 82 -3.99 21.92 13.37
CA ASP A 82 -3.39 22.07 14.68
C ASP A 82 -1.92 22.42 14.74
N ILE A 83 -1.11 22.00 13.75
CA ILE A 83 0.31 22.28 13.73
C ILE A 83 0.62 23.46 12.83
N HIS A 84 1.83 24.02 12.89
CA HIS A 84 2.12 25.23 12.13
C HIS A 84 2.43 25.01 10.65
N LEU A 85 2.73 23.76 10.27
CA LEU A 85 3.11 23.42 8.90
C LEU A 85 2.22 24.05 7.84
N GLY A 86 2.93 24.68 6.89
CA GLY A 86 2.38 25.37 5.74
C GLY A 86 2.06 26.83 6.07
N VAL A 87 1.26 26.96 7.14
CA VAL A 87 0.74 28.22 7.67
C VAL A 87 1.81 29.17 8.28
N ASN A 88 2.47 28.81 9.40
CA ASN A 88 3.50 29.65 10.05
C ASN A 88 4.92 29.05 9.96
N GLU A 89 5.08 27.88 9.32
CA GLU A 89 6.37 27.21 9.32
C GLU A 89 6.67 26.37 8.09
N SER A 90 7.95 26.32 7.74
CA SER A 90 8.39 25.52 6.63
C SER A 90 8.51 24.04 6.98
N LEU A 91 8.45 23.26 5.90
CA LEU A 91 8.59 21.82 5.98
C LEU A 91 9.99 21.42 6.47
N THR A 92 11.07 22.12 6.04
CA THR A 92 12.43 21.84 6.48
C THR A 92 12.53 21.92 8.01
N ASP A 93 12.01 23.04 8.54
CA ASP A 93 12.06 23.24 9.97
C ASP A 93 11.19 22.26 10.73
N THR A 94 9.96 21.99 10.24
CA THR A 94 9.09 20.98 10.84
C THR A 94 9.79 19.61 10.83
N ALA A 95 10.50 19.27 9.74
CA ALA A 95 11.22 18.01 9.65
C ALA A 95 12.33 17.88 10.69
N ARG A 96 13.07 18.96 10.97
CA ARG A 96 14.10 18.92 11.99
C ARG A 96 13.55 18.83 13.39
N VAL A 97 12.43 19.50 13.69
CA VAL A 97 11.81 19.42 15.01
C VAL A 97 11.24 18.03 15.26
N LEU A 98 10.58 17.47 14.25
CA LEU A 98 10.07 16.10 14.36
C LEU A 98 11.21 15.12 14.63
N SER A 99 12.39 15.31 14.00
CA SER A 99 13.54 14.42 14.22
C SER A 99 13.98 14.38 15.64
N SER A 100 13.91 15.50 16.36
CA SER A 100 14.37 15.51 17.74
C SER A 100 13.29 15.14 18.74
N MET A 101 12.00 15.15 18.33
CA MET A 101 10.93 14.81 19.25
C MET A 101 10.26 13.46 19.04
N ALA A 102 10.40 12.88 17.86
CA ALA A 102 9.82 11.57 17.61
C ALA A 102 10.85 10.61 17.04
N ASP A 103 10.53 9.30 16.99
CA ASP A 103 11.44 8.32 16.42
C ASP A 103 11.19 8.01 14.96
N ALA A 104 10.00 8.34 14.44
CA ALA A 104 9.66 8.18 13.03
C ALA A 104 8.46 9.06 12.76
N VAL A 105 8.18 9.25 11.47
CA VAL A 105 7.04 10.03 11.00
C VAL A 105 6.30 9.21 9.96
N LEU A 106 4.97 9.16 10.06
CA LEU A 106 4.15 8.63 8.98
C LEU A 106 3.38 9.84 8.47
N ALA A 107 3.50 10.10 7.16
CA ALA A 107 2.85 11.27 6.60
C ALA A 107 2.00 10.95 5.38
N ARG A 108 0.72 11.30 5.48
CA ARG A 108 -0.19 11.14 4.37
C ARG A 108 -0.27 12.53 3.78
N VAL A 109 0.14 12.60 2.51
CA VAL A 109 0.28 13.88 1.80
C VAL A 109 -0.36 13.92 0.42
N TYR A 110 -0.24 15.10 -0.20
CA TYR A 110 -0.58 15.23 -1.61
C TYR A 110 0.69 14.96 -2.40
N LYS A 111 1.70 15.83 -2.26
CA LYS A 111 2.94 15.78 -3.01
C LYS A 111 3.97 14.81 -2.48
N GLN A 112 4.40 13.86 -3.34
CA GLN A 112 5.48 12.92 -3.01
C GLN A 112 6.76 13.67 -2.67
N SER A 113 6.98 14.82 -3.33
CA SER A 113 8.14 15.67 -3.06
C SER A 113 8.17 16.18 -1.62
N ASP A 114 7.02 16.35 -0.95
CA ASP A 114 6.99 16.68 0.47
C ASP A 114 7.57 15.56 1.32
N LEU A 115 7.31 14.29 0.96
CA LEU A 115 7.92 13.15 1.63
C LEU A 115 9.42 13.11 1.37
N ASP A 116 9.87 13.49 0.16
CA ASP A 116 11.31 13.56 -0.10
C ASP A 116 11.99 14.64 0.73
N THR A 117 11.38 15.83 0.84
CA THR A 117 11.94 16.90 1.66
C THR A 117 12.02 16.44 3.11
N LEU A 118 10.94 15.85 3.61
CA LEU A 118 10.88 15.29 4.96
C LEU A 118 11.98 14.25 5.19
N ALA A 119 12.17 13.32 4.26
CA ALA A 119 13.20 12.30 4.36
C ALA A 119 14.62 12.85 4.33
N LYS A 120 14.87 13.86 3.49
CA LYS A 120 16.19 14.48 3.39
C LYS A 120 16.50 15.30 4.64
N GLU A 121 15.53 16.11 5.09
CA GLU A 121 15.69 16.97 6.26
C GLU A 121 15.58 16.32 7.63
N ALA A 122 14.88 15.18 7.76
CA ALA A 122 14.83 14.51 9.04
C ALA A 122 15.87 13.40 9.16
N SER A 123 16.37 13.17 10.36
CA SER A 123 17.30 12.08 10.59
C SER A 123 16.58 10.87 11.18
N ILE A 124 15.24 10.84 11.13
CA ILE A 124 14.46 9.71 11.60
C ILE A 124 13.72 9.11 10.41
N PRO A 125 13.28 7.82 10.39
CA PRO A 125 12.49 7.24 9.31
C PRO A 125 11.20 7.96 8.96
N ILE A 126 11.00 8.19 7.66
CA ILE A 126 9.79 8.78 7.10
C ILE A 126 9.08 7.68 6.31
N ILE A 127 7.83 7.44 6.71
CA ILE A 127 7.01 6.44 6.07
C ILE A 127 5.87 7.12 5.34
N ASN A 128 5.69 6.70 4.09
CA ASN A 128 4.63 7.23 3.27
C ASN A 128 3.29 6.68 3.78
N GLY A 129 2.34 7.55 4.12
CA GLY A 129 1.02 7.12 4.58
C GLY A 129 -0.05 7.23 3.50
N LEU A 130 0.40 7.45 2.25
CA LEU A 130 -0.26 7.68 0.97
C LEU A 130 0.12 9.08 0.48
N SER A 131 0.46 9.13 -0.80
CA SER A 131 0.68 10.37 -1.52
C SER A 131 -0.12 10.34 -2.80
N ASP A 132 -0.13 11.42 -3.61
CA ASP A 132 -0.80 11.36 -4.90
C ASP A 132 -0.11 10.38 -5.84
N LEU A 133 1.18 10.11 -5.61
CA LEU A 133 1.93 9.24 -6.47
C LEU A 133 1.99 7.79 -6.07
N TYR A 134 2.16 7.45 -4.78
CA TYR A 134 2.33 6.06 -4.33
C TYR A 134 1.59 5.77 -3.03
N HIS A 135 1.26 4.49 -2.79
CA HIS A 135 0.74 4.09 -1.49
C HIS A 135 1.39 2.74 -1.12
N PRO A 136 2.71 2.69 -0.88
CA PRO A 136 3.45 1.44 -0.64
C PRO A 136 2.93 0.55 0.48
N ILE A 137 2.49 1.12 1.63
CA ILE A 137 2.11 0.29 2.77
C ILE A 137 0.78 -0.43 2.50
N GLN A 138 -0.05 0.07 1.60
CA GLN A 138 -1.26 -0.64 1.18
C GLN A 138 -0.90 -1.96 0.49
N ILE A 139 0.05 -1.94 -0.45
CA ILE A 139 0.46 -3.13 -1.19
C ILE A 139 1.08 -4.18 -0.26
N LEU A 140 1.74 -3.77 0.84
CA LEU A 140 2.22 -4.72 1.83
C LEU A 140 1.07 -5.57 2.38
N ALA A 141 -0.03 -4.91 2.77
CA ALA A 141 -1.21 -5.58 3.29
C ALA A 141 -1.82 -6.44 2.20
N ASP A 142 -1.86 -5.94 0.96
CA ASP A 142 -2.40 -6.69 -0.17
C ASP A 142 -1.66 -7.98 -0.45
N TYR A 143 -0.33 -7.94 -0.49
CA TYR A 143 0.42 -9.14 -0.81
C TYR A 143 0.44 -10.12 0.35
N LEU A 144 0.39 -9.64 1.59
CA LEU A 144 0.29 -10.54 2.74
C LEU A 144 -1.05 -11.28 2.69
N THR A 145 -2.13 -10.55 2.37
CA THR A 145 -3.47 -11.14 2.29
C THR A 145 -3.50 -12.22 1.21
N LEU A 146 -2.87 -11.97 0.06
CA LEU A 146 -2.82 -12.95 -1.03
C LEU A 146 -1.90 -14.10 -0.68
N GLN A 147 -0.78 -13.88 0.03
CA GLN A 147 0.05 -15.00 0.44
C GLN A 147 -0.77 -15.89 1.38
N GLU A 148 -1.54 -15.30 2.31
CA GLU A 148 -2.33 -16.08 3.26
C GLU A 148 -3.40 -16.90 2.55
N HIS A 149 -4.05 -16.32 1.54
CA HIS A 149 -5.09 -16.98 0.78
C HIS A 149 -4.53 -18.08 -0.10
N TYR A 150 -3.50 -17.80 -0.89
CA TYR A 150 -2.99 -18.75 -1.87
C TYR A 150 -1.85 -19.65 -1.42
N SER A 151 -1.21 -19.32 -0.28
CA SER A 151 -0.04 -19.98 0.32
C SER A 151 1.29 -19.78 -0.39
N SER A 152 1.29 -18.89 -1.39
CA SER A 152 2.47 -18.42 -2.11
C SER A 152 2.05 -17.27 -3.01
N LEU A 153 2.99 -16.57 -3.64
CA LEU A 153 2.68 -15.46 -4.53
C LEU A 153 3.20 -15.63 -5.95
N LYS A 154 4.38 -16.21 -6.14
CA LYS A 154 4.99 -16.36 -7.46
C LYS A 154 4.07 -16.97 -8.52
N GLY A 155 4.01 -16.28 -9.68
CA GLY A 155 3.21 -16.72 -10.80
C GLY A 155 1.76 -16.21 -10.76
N LEU A 156 1.27 -15.57 -9.68
CA LEU A 156 -0.09 -15.02 -9.67
C LEU A 156 -0.18 -13.90 -10.70
N THR A 157 -1.34 -13.73 -11.36
CA THR A 157 -1.58 -12.58 -12.21
C THR A 157 -2.57 -11.69 -11.50
N LEU A 158 -2.13 -10.45 -11.32
CA LEU A 158 -2.98 -9.40 -10.75
C LEU A 158 -3.59 -8.64 -11.92
N SER A 159 -4.91 -8.45 -11.86
CA SER A 159 -5.66 -7.74 -12.87
C SER A 159 -6.26 -6.48 -12.28
N TRP A 160 -5.65 -5.34 -12.61
CA TRP A 160 -6.15 -4.04 -12.19
C TRP A 160 -7.13 -3.52 -13.23
N ILE A 161 -8.28 -3.03 -12.76
CA ILE A 161 -9.22 -2.31 -13.62
C ILE A 161 -9.53 -1.05 -12.84
N GLY A 162 -9.33 0.09 -13.47
CA GLY A 162 -9.62 1.35 -12.83
C GLY A 162 -8.69 2.45 -13.26
N ASP A 163 -8.45 3.40 -12.36
CA ASP A 163 -7.63 4.56 -12.63
C ASP A 163 -6.14 4.25 -12.54
N GLY A 164 -5.31 5.00 -13.28
CA GLY A 164 -3.87 4.86 -13.20
C GLY A 164 -3.40 5.76 -12.06
N ASN A 165 -3.63 5.29 -10.82
CA ASN A 165 -3.39 6.09 -9.63
C ASN A 165 -2.26 5.56 -8.74
N ASN A 166 -2.15 6.12 -7.52
CA ASN A 166 -1.17 5.73 -6.54
C ASN A 166 -1.15 4.23 -6.19
N ILE A 167 -2.32 3.57 -6.10
CA ILE A 167 -2.38 2.15 -5.75
C ILE A 167 -1.79 1.34 -6.91
N LEU A 168 -2.20 1.61 -8.17
CA LEU A 168 -1.63 0.89 -9.31
C LEU A 168 -0.13 1.15 -9.39
N HIS A 169 0.37 2.37 -9.12
CA HIS A 169 1.81 2.63 -9.14
C HIS A 169 2.56 1.78 -8.13
N SER A 170 2.00 1.58 -6.93
CA SER A 170 2.65 0.76 -5.94
C SER A 170 2.64 -0.71 -6.34
N ILE A 171 1.58 -1.19 -6.99
CA ILE A 171 1.58 -2.56 -7.52
C ILE A 171 2.66 -2.66 -8.61
N MET A 172 2.76 -1.66 -9.51
CA MET A 172 3.77 -1.64 -10.56
C MET A 172 5.19 -1.62 -10.01
N MET A 173 5.41 -1.01 -8.84
CA MET A 173 6.74 -0.97 -8.26
C MET A 173 7.12 -2.22 -7.50
N SER A 174 6.22 -3.21 -7.43
CA SER A 174 6.46 -4.37 -6.59
C SER A 174 6.08 -5.73 -7.14
N ALA A 175 5.04 -5.84 -7.98
CA ALA A 175 4.52 -7.15 -8.40
C ALA A 175 5.55 -8.10 -9.02
N ALA A 176 6.34 -7.58 -9.96
CA ALA A 176 7.39 -8.34 -10.60
C ALA A 176 8.48 -8.84 -9.66
N LYS A 177 8.82 -8.09 -8.59
CA LYS A 177 9.82 -8.52 -7.59
C LYS A 177 9.38 -9.76 -6.82
N PHE A 178 8.09 -10.09 -6.88
CA PHE A 178 7.54 -11.31 -6.31
C PHE A 178 7.26 -12.38 -7.39
N GLY A 179 7.63 -12.11 -8.65
CA GLY A 179 7.37 -13.02 -9.75
C GLY A 179 5.90 -13.03 -10.12
N MET A 180 5.16 -11.94 -9.88
CA MET A 180 3.76 -11.88 -10.26
C MET A 180 3.59 -11.02 -11.51
N HIS A 181 2.66 -11.44 -12.35
CA HIS A 181 2.35 -10.74 -13.59
C HIS A 181 1.33 -9.64 -13.29
N LEU A 182 1.28 -8.62 -14.14
CA LEU A 182 0.34 -7.52 -13.99
C LEU A 182 -0.36 -7.21 -15.31
N GLN A 183 -1.69 -7.25 -15.31
CA GLN A 183 -2.47 -6.85 -16.45
C GLN A 183 -3.39 -5.73 -15.95
N ALA A 184 -3.22 -4.53 -16.47
CA ALA A 184 -3.96 -3.38 -15.98
C ALA A 184 -4.67 -2.60 -17.07
N ALA A 185 -5.97 -2.41 -16.84
CA ALA A 185 -6.83 -1.61 -17.70
C ALA A 185 -7.17 -0.27 -17.07
N THR A 186 -6.93 0.83 -17.79
CA THR A 186 -7.40 2.15 -17.36
C THR A 186 -8.12 2.79 -18.56
N PRO A 187 -9.02 3.77 -18.41
CA PRO A 187 -9.48 4.61 -19.52
C PRO A 187 -8.34 5.33 -20.21
N LYS A 188 -8.59 5.68 -21.48
CA LYS A 188 -7.64 6.44 -22.28
C LYS A 188 -7.49 7.81 -21.65
N GLY A 189 -6.25 8.29 -21.50
CA GLY A 189 -6.00 9.56 -20.82
C GLY A 189 -5.84 9.40 -19.31
N TYR A 190 -6.09 8.20 -18.74
CA TYR A 190 -5.99 7.97 -17.31
C TYR A 190 -4.99 6.87 -16.99
N GLU A 191 -3.99 6.76 -17.84
CA GLU A 191 -2.96 5.73 -17.72
C GLU A 191 -2.07 5.99 -16.54
N PRO A 192 -1.39 5.00 -15.97
CA PRO A 192 -0.31 5.22 -15.02
C PRO A 192 0.75 6.14 -15.59
N ASP A 193 1.46 6.79 -14.68
CA ASP A 193 2.58 7.65 -14.95
C ASP A 193 3.57 6.99 -15.89
N ALA A 194 3.99 7.71 -16.95
CA ALA A 194 4.93 7.17 -17.92
C ALA A 194 6.25 6.68 -17.30
N SER A 195 6.77 7.41 -16.31
CA SER A 195 8.00 7.05 -15.61
C SER A 195 7.88 5.77 -14.79
N VAL A 196 6.70 5.61 -14.18
CA VAL A 196 6.42 4.42 -13.38
C VAL A 196 6.30 3.23 -14.31
N THR A 197 5.55 3.37 -15.41
CA THR A 197 5.38 2.31 -16.41
C THR A 197 6.71 1.85 -16.96
N LYS A 198 7.59 2.80 -17.30
CA LYS A 198 8.92 2.49 -17.79
C LYS A 198 9.68 1.64 -16.79
N LEU A 199 9.68 2.01 -15.50
CA LEU A 199 10.37 1.20 -14.52
C LEU A 199 9.67 -0.15 -14.26
N ALA A 200 8.33 -0.26 -14.33
CA ALA A 200 7.63 -1.53 -14.21
C ALA A 200 8.00 -2.45 -15.38
N GLU A 201 8.16 -1.92 -16.61
CA GLU A 201 8.62 -2.69 -17.76
C GLU A 201 9.99 -3.32 -17.57
N GLN A 202 10.90 -2.55 -16.96
CA GLN A 202 12.23 -3.03 -16.62
C GLN A 202 12.16 -4.13 -15.57
N TYR A 203 11.38 -3.92 -14.47
CA TYR A 203 11.19 -4.94 -13.46
C TYR A 203 10.62 -6.24 -14.02
N ALA A 204 9.66 -6.14 -14.95
CA ALA A 204 9.05 -7.31 -15.57
C ALA A 204 10.09 -8.09 -16.35
N LYS A 205 10.94 -7.37 -17.10
CA LYS A 205 12.02 -7.98 -17.86
C LYS A 205 13.05 -8.65 -16.95
N GLU A 206 13.45 -7.98 -15.86
CA GLU A 206 14.41 -8.53 -14.91
C GLU A 206 13.89 -9.76 -14.21
N ASN A 207 12.57 -9.86 -14.02
CA ASN A 207 11.99 -10.97 -13.30
C ASN A 207 11.26 -11.97 -14.17
N GLY A 208 11.25 -11.73 -15.49
CA GLY A 208 10.60 -12.62 -16.45
C GLY A 208 9.11 -12.72 -16.24
N THR A 209 8.48 -11.60 -15.87
CA THR A 209 7.03 -11.56 -15.67
C THR A 209 6.42 -10.71 -16.77
N LYS A 210 5.10 -10.83 -16.94
CA LYS A 210 4.45 -10.02 -17.95
C LYS A 210 3.80 -8.78 -17.34
N LEU A 211 3.79 -7.73 -18.16
CA LEU A 211 3.20 -6.46 -17.82
C LEU A 211 2.35 -6.12 -19.03
N LEU A 212 1.05 -5.92 -18.86
CA LEU A 212 0.19 -5.57 -19.96
C LEU A 212 -0.62 -4.38 -19.51
N LEU A 213 -0.58 -3.30 -20.28
CA LEU A 213 -1.41 -2.15 -20.03
C LEU A 213 -2.38 -2.08 -21.19
N THR A 214 -3.64 -1.83 -20.89
CA THR A 214 -4.71 -1.86 -21.88
C THR A 214 -5.77 -0.88 -21.46
N ASN A 215 -6.75 -0.66 -22.33
CA ASN A 215 -7.91 0.14 -21.99
C ASN A 215 -9.11 -0.78 -21.89
N ASP A 216 -8.92 -2.08 -22.09
CA ASP A 216 -10.03 -3.01 -22.06
C ASP A 216 -10.07 -3.77 -20.73
N PRO A 217 -11.12 -3.59 -19.91
CA PRO A 217 -11.32 -4.30 -18.65
C PRO A 217 -11.23 -5.82 -18.75
N LEU A 218 -11.89 -6.41 -19.76
CA LEU A 218 -11.86 -7.85 -19.95
C LEU A 218 -10.50 -8.38 -20.40
N GLU A 219 -9.67 -7.61 -21.14
CA GLU A 219 -8.31 -8.02 -21.46
C GLU A 219 -7.48 -8.04 -20.18
N ALA A 220 -7.60 -7.01 -19.32
CA ALA A 220 -6.91 -6.99 -18.04
C ALA A 220 -7.36 -8.15 -17.16
N ALA A 221 -8.66 -8.45 -17.09
CA ALA A 221 -9.20 -9.52 -16.26
C ALA A 221 -8.90 -10.93 -16.76
N HIS A 222 -8.61 -11.10 -18.06
CA HIS A 222 -8.44 -12.42 -18.62
C HIS A 222 -7.28 -13.23 -18.04
N GLY A 223 -7.71 -14.32 -17.39
CA GLY A 223 -6.81 -15.27 -16.76
C GLY A 223 -6.18 -14.74 -15.48
N GLY A 224 -6.66 -13.63 -14.94
CA GLY A 224 -6.10 -13.07 -13.71
C GLY A 224 -6.56 -13.82 -12.48
N ASN A 225 -5.68 -13.98 -11.52
CA ASN A 225 -6.04 -14.66 -10.28
C ASN A 225 -6.64 -13.69 -9.31
N VAL A 226 -6.26 -12.40 -9.40
CA VAL A 226 -6.76 -11.38 -8.49
C VAL A 226 -7.29 -10.18 -9.25
N LEU A 227 -8.59 -9.88 -9.11
CA LEU A 227 -9.19 -8.65 -9.64
C LEU A 227 -9.02 -7.55 -8.58
N ILE A 228 -8.49 -6.38 -9.00
CA ILE A 228 -8.21 -5.27 -8.09
C ILE A 228 -8.77 -3.97 -8.68
N THR A 229 -9.50 -3.18 -7.90
CA THR A 229 -9.92 -1.85 -8.33
C THR A 229 -9.81 -0.91 -7.10
N ASP A 230 -10.25 0.33 -7.32
CA ASP A 230 -10.22 1.40 -6.34
C ASP A 230 -11.15 2.48 -6.90
N THR A 231 -11.47 3.50 -6.12
CA THR A 231 -12.27 4.64 -6.55
C THR A 231 -11.73 5.27 -7.84
N TRP A 232 -12.68 5.74 -8.64
CA TRP A 232 -12.35 6.42 -9.87
C TRP A 232 -11.96 7.88 -9.62
N ILE A 233 -12.33 8.41 -8.44
CA ILE A 233 -12.07 9.79 -8.05
C ILE A 233 -11.34 9.79 -6.71
N SER A 234 -10.01 9.84 -6.82
CA SER A 234 -9.19 9.84 -5.63
C SER A 234 -9.28 11.15 -4.84
N MET A 235 -8.86 11.14 -3.57
CA MET A 235 -8.85 12.36 -2.77
C MET A 235 -7.97 13.42 -3.43
N GLY A 236 -8.57 14.61 -3.63
CA GLY A 236 -7.92 15.75 -4.26
C GLY A 236 -8.29 15.89 -5.74
N ARG A 237 -9.13 14.99 -6.23
CA ARG A 237 -9.51 14.92 -7.63
C ARG A 237 -11.02 15.12 -7.80
N GLU A 238 -11.75 15.57 -6.77
CA GLU A 238 -13.20 15.68 -6.81
C GLU A 238 -13.75 16.69 -7.82
N GLU A 239 -12.91 17.63 -8.28
CA GLU A 239 -13.28 18.63 -9.30
C GLU A 239 -13.51 17.98 -10.66
N GLU A 240 -12.92 16.79 -10.83
CA GLU A 240 -13.03 16.00 -12.04
C GLU A 240 -14.11 14.92 -12.00
N LYS A 241 -15.02 14.92 -11.01
CA LYS A 241 -16.07 13.91 -10.88
C LYS A 241 -16.87 13.69 -12.15
N LYS A 242 -17.42 14.76 -12.77
CA LYS A 242 -18.21 14.66 -14.00
C LYS A 242 -17.47 14.00 -15.14
N LYS A 243 -16.27 14.51 -15.44
CA LYS A 243 -15.42 13.97 -16.48
C LYS A 243 -15.00 12.53 -16.25
N ARG A 244 -14.74 12.18 -14.98
CA ARG A 244 -14.35 10.81 -14.65
C ARG A 244 -15.52 9.84 -14.69
N LEU A 245 -16.71 10.24 -14.24
CA LEU A 245 -17.85 9.33 -14.33
C LEU A 245 -18.18 8.98 -15.78
N GLN A 246 -17.92 9.93 -16.68
CA GLN A 246 -18.16 9.69 -18.08
C GLN A 246 -17.05 8.84 -18.67
N ALA A 247 -15.79 9.15 -18.38
CA ALA A 247 -14.65 8.39 -18.89
C ALA A 247 -14.54 6.94 -18.41
N PHE A 248 -15.01 6.71 -17.18
CA PHE A 248 -14.89 5.39 -16.60
C PHE A 248 -16.09 4.49 -16.82
N GLN A 249 -17.13 4.89 -17.58
CA GLN A 249 -18.26 4.00 -17.89
C GLN A 249 -17.75 2.75 -18.59
N GLY A 250 -18.24 1.61 -18.10
CA GLY A 250 -17.79 0.32 -18.57
C GLY A 250 -16.66 -0.25 -17.71
N TYR A 251 -16.13 0.49 -16.71
CA TYR A 251 -15.04 -0.02 -15.89
C TYR A 251 -15.42 -0.61 -14.54
N GLN A 252 -16.71 -0.73 -14.19
CA GLN A 252 -17.12 -1.38 -12.96
C GLN A 252 -16.78 -2.88 -12.99
N VAL A 253 -16.18 -3.40 -11.92
CA VAL A 253 -15.89 -4.83 -11.78
C VAL A 253 -17.21 -5.50 -11.33
N THR A 254 -17.62 -6.49 -12.12
CA THR A 254 -18.84 -7.27 -11.88
C THR A 254 -18.54 -8.76 -12.05
N MET A 255 -19.55 -9.63 -11.92
CA MET A 255 -19.32 -11.05 -12.16
C MET A 255 -19.03 -11.32 -13.63
N LYS A 256 -19.36 -10.39 -14.56
CA LYS A 256 -18.99 -10.54 -15.97
C LYS A 256 -17.47 -10.48 -16.11
N THR A 257 -16.88 -9.58 -15.31
CA THR A 257 -15.44 -9.42 -15.25
C THR A 257 -14.78 -10.70 -14.74
N ALA A 258 -15.34 -11.23 -13.63
CA ALA A 258 -14.83 -12.44 -13.01
C ALA A 258 -14.98 -13.69 -13.86
N LYS A 259 -15.97 -13.69 -14.77
CA LYS A 259 -16.23 -14.83 -15.65
C LYS A 259 -15.05 -15.14 -16.55
N VAL A 260 -14.24 -14.12 -16.82
CA VAL A 260 -13.06 -14.17 -17.66
C VAL A 260 -11.76 -14.46 -16.91
N ALA A 261 -11.80 -14.24 -15.59
CA ALA A 261 -10.66 -14.42 -14.70
C ALA A 261 -10.35 -15.90 -14.42
N ALA A 262 -9.16 -16.24 -13.88
CA ALA A 262 -8.82 -17.63 -13.53
C ALA A 262 -9.84 -18.24 -12.57
N SER A 263 -9.91 -19.58 -12.49
CA SER A 263 -10.96 -20.21 -11.69
C SER A 263 -10.88 -19.97 -10.19
N ASP A 264 -9.67 -19.72 -9.68
CA ASP A 264 -9.42 -19.42 -8.29
C ASP A 264 -9.39 -17.93 -7.99
N TRP A 265 -10.06 -17.10 -8.81
CA TRP A 265 -10.00 -15.65 -8.66
C TRP A 265 -10.48 -15.15 -7.30
N THR A 266 -9.79 -14.11 -6.84
CA THR A 266 -10.20 -13.35 -5.66
C THR A 266 -10.26 -11.86 -6.03
N PHE A 267 -10.77 -11.04 -5.11
CA PHE A 267 -10.90 -9.60 -5.31
C PHE A 267 -10.32 -8.78 -4.18
N LEU A 268 -9.65 -7.67 -4.54
CA LEU A 268 -9.07 -6.69 -3.61
C LEU A 268 -9.54 -5.30 -3.96
N HIS A 269 -9.69 -4.47 -2.92
CA HIS A 269 -9.97 -3.06 -3.07
C HIS A 269 -9.41 -2.46 -1.80
N CYS A 270 -8.49 -1.50 -1.93
CA CYS A 270 -7.82 -0.84 -0.80
C CYS A 270 -8.77 -0.14 0.17
N LEU A 271 -9.96 0.25 -0.31
CA LEU A 271 -11.02 0.97 0.41
C LEU A 271 -10.60 2.41 0.75
N PRO A 272 -11.48 3.42 0.91
CA PRO A 272 -12.94 3.32 0.86
C PRO A 272 -13.52 3.04 -0.54
N ARG A 273 -14.52 2.16 -0.55
CA ARG A 273 -15.21 1.76 -1.78
C ARG A 273 -16.52 2.52 -1.99
N LYS A 274 -16.73 2.84 -3.26
CA LYS A 274 -17.93 3.48 -3.76
C LYS A 274 -18.67 2.49 -4.64
N PRO A 275 -19.94 2.68 -4.96
CA PRO A 275 -20.66 1.78 -5.87
C PRO A 275 -20.23 1.73 -7.33
N GLU A 276 -19.56 2.76 -7.82
CA GLU A 276 -19.12 2.88 -9.19
C GLU A 276 -18.11 1.85 -9.67
N GLU A 277 -16.98 1.65 -8.97
CA GLU A 277 -15.91 0.75 -9.37
C GLU A 277 -16.17 -0.75 -9.30
N VAL A 278 -17.07 -1.18 -8.43
CA VAL A 278 -17.33 -2.59 -8.24
C VAL A 278 -18.75 -2.68 -7.75
N ASP A 279 -19.50 -3.73 -8.17
CA ASP A 279 -20.85 -3.89 -7.68
C ASP A 279 -20.84 -4.68 -6.38
N ASP A 280 -22.00 -4.78 -5.71
CA ASP A 280 -22.08 -5.49 -4.44
C ASP A 280 -21.85 -6.97 -4.53
N GLU A 281 -22.24 -7.56 -5.67
CA GLU A 281 -22.12 -8.98 -5.84
C GLU A 281 -20.65 -9.41 -5.78
N VAL A 282 -19.73 -8.65 -6.37
CA VAL A 282 -18.31 -8.95 -6.28
C VAL A 282 -17.73 -8.51 -4.94
N PHE A 283 -18.03 -7.27 -4.50
CA PHE A 283 -17.48 -6.73 -3.28
C PHE A 283 -17.74 -7.58 -2.02
N TYR A 284 -18.97 -8.14 -1.92
CA TYR A 284 -19.34 -8.99 -0.81
C TYR A 284 -19.32 -10.48 -1.16
N SER A 285 -18.73 -10.84 -2.30
CA SER A 285 -18.52 -12.22 -2.71
C SER A 285 -17.70 -12.97 -1.67
N PRO A 286 -17.86 -14.28 -1.44
CA PRO A 286 -16.88 -15.07 -0.69
C PRO A 286 -15.44 -15.04 -1.21
N ARG A 287 -15.28 -14.62 -2.48
CA ARG A 287 -13.99 -14.49 -3.14
C ARG A 287 -13.39 -13.13 -2.84
N SER A 288 -14.16 -12.20 -2.24
CA SER A 288 -13.66 -10.86 -1.91
C SER A 288 -12.81 -10.88 -0.65
N LEU A 289 -11.56 -10.46 -0.75
CA LEU A 289 -10.67 -10.45 0.39
C LEU A 289 -10.52 -9.06 1.00
N VAL A 290 -11.45 -8.18 0.69
CA VAL A 290 -11.45 -6.79 1.09
C VAL A 290 -11.26 -6.55 2.60
N PHE A 291 -12.01 -7.25 3.46
CA PHE A 291 -11.86 -7.00 4.90
C PHE A 291 -10.66 -7.68 5.52
N PRO A 292 -10.21 -8.90 5.15
CA PRO A 292 -8.89 -9.42 5.51
C PRO A 292 -7.74 -8.52 5.08
N GLU A 293 -7.88 -7.95 3.88
CA GLU A 293 -6.92 -7.02 3.33
C GLU A 293 -6.79 -5.78 4.22
N ALA A 294 -7.92 -5.16 4.57
CA ALA A 294 -7.96 -4.02 5.49
C ALA A 294 -7.41 -4.39 6.86
N GLU A 295 -7.69 -5.55 7.45
CA GLU A 295 -7.05 -5.93 8.71
C GLU A 295 -5.52 -5.99 8.60
N ASN A 296 -5.01 -6.53 7.48
CA ASN A 296 -3.57 -6.64 7.31
C ASN A 296 -2.79 -5.34 7.14
N ARG A 297 -3.50 -4.21 7.01
CA ARG A 297 -2.88 -2.88 7.08
C ARG A 297 -2.23 -2.69 8.45
N LYS A 298 -2.85 -3.29 9.50
CA LYS A 298 -2.32 -3.18 10.85
C LYS A 298 -1.07 -4.01 11.05
N TRP A 299 -1.06 -5.31 10.75
CA TRP A 299 0.11 -6.16 10.95
C TRP A 299 1.29 -5.71 10.09
N THR A 300 1.01 -5.24 8.86
CA THR A 300 2.10 -4.76 8.02
C THR A 300 2.64 -3.38 8.44
N ILE A 301 1.86 -2.37 8.87
CA ILE A 301 2.49 -1.13 9.33
C ILE A 301 3.26 -1.39 10.65
N MET A 302 2.83 -2.36 11.48
CA MET A 302 3.58 -2.77 12.68
C MET A 302 4.95 -3.30 12.28
N ALA A 303 4.99 -4.15 11.24
CA ALA A 303 6.25 -4.70 10.74
C ALA A 303 7.11 -3.61 10.13
N VAL A 304 6.52 -2.64 9.41
CA VAL A 304 7.32 -1.54 8.88
C VAL A 304 8.04 -0.79 10.01
N MET A 305 7.28 -0.42 11.04
CA MET A 305 7.83 0.34 12.15
C MET A 305 8.87 -0.46 12.91
N VAL A 306 8.64 -1.76 13.13
CA VAL A 306 9.63 -2.59 13.80
C VAL A 306 10.89 -2.71 12.98
N SER A 307 10.81 -2.88 11.66
CA SER A 307 12.03 -3.05 10.88
C SER A 307 12.82 -1.76 10.66
N LEU A 308 12.14 -0.61 10.66
CA LEU A 308 12.84 0.65 10.49
C LEU A 308 13.39 1.19 11.81
N LEU A 309 12.89 0.74 12.96
CA LEU A 309 13.29 1.27 14.26
C LEU A 309 13.98 0.36 15.24
N THR A 310 14.06 -0.97 14.99
CA THR A 310 14.64 -1.91 15.93
C THR A 310 15.50 -2.95 15.21
N ASP A 311 16.14 -3.81 16.00
CA ASP A 311 16.88 -4.93 15.47
C ASP A 311 16.18 -6.26 15.72
N TYR A 312 14.85 -6.23 15.85
CA TYR A 312 14.10 -7.45 16.11
C TYR A 312 14.20 -8.41 14.92
N SER A 313 14.39 -9.69 15.21
CA SER A 313 14.44 -10.75 14.20
C SER A 313 13.16 -11.57 14.29
N PRO A 314 12.43 -11.87 13.21
CA PRO A 314 11.27 -12.75 13.22
C PRO A 314 11.60 -14.15 13.76
N GLN A 315 10.77 -14.66 14.68
CA GLN A 315 10.90 -16.03 15.16
C GLN A 315 10.19 -17.00 14.23
N LEU A 316 9.16 -16.54 13.49
CA LEU A 316 8.42 -17.36 12.57
C LEU A 316 9.31 -17.85 11.44
N GLN A 317 8.97 -19.06 10.99
CA GLN A 317 9.56 -19.63 9.78
C GLN A 317 9.18 -18.69 8.62
N LYS A 318 10.09 -18.36 7.69
CA LYS A 318 9.73 -17.50 6.56
C LYS A 318 8.54 -18.05 5.73
N PRO A 319 7.48 -17.26 5.45
CA PRO A 319 6.39 -17.66 4.56
C PRO A 319 6.88 -18.01 3.15
N LYS A 320 6.15 -18.92 2.48
CA LYS A 320 6.42 -19.27 1.10
C LYS A 320 5.84 -18.15 0.22
N PHE A 321 6.73 -17.52 -0.55
CA PHE A 321 6.31 -16.51 -1.51
C PHE A 321 6.49 -17.07 -2.91
N NVA B . -6.54 6.09 -4.66
CA NVA B . -7.19 6.45 -3.42
CB NVA B . -6.66 5.54 -2.31
CG NVA B . -7.39 5.77 -1.01
CD NVA B . -6.76 4.96 0.13
C NVA B . -6.92 7.92 -3.08
O NVA B . -7.84 8.62 -2.65
OXT NVA B . -5.80 8.37 -3.31
N CP C . -6.52 2.07 2.08
C CP C . -6.49 3.16 2.86
O CP C . -5.40 3.72 2.95
O4P CP C . -7.70 3.59 3.52
P CP C . -7.77 5.00 4.30
O1P CP C . -9.10 4.93 5.10
O2P CP C . -6.49 5.16 5.24
O3P CP C . -7.81 6.18 3.22
#